data_6VH2
#
_entry.id   6VH2
#
_cell.length_a   76.028
_cell.length_b   91.098
_cell.length_c   100.777
_cell.angle_alpha   90.000
_cell.angle_beta   90.000
_cell.angle_gamma   90.000
#
_symmetry.space_group_name_H-M   'P 21 21 21'
#
loop_
_entity.id
_entity.type
_entity.pdbx_description
1 polymer 'Orf1a protein'
2 non-polymer '4,4-difluorocyclohexyl [(2S)-3-cyclohexyl-1-({(2S)-1-hydroxy-3-[(3S)-2-oxopyrrolidin-3-yl]propan-2-yl}amino)-1-oxopropan-2-yl]carbamate'
3 water water
#
_entity_poly.entity_id   1
_entity_poly.type   'polypeptide(L)'
_entity_poly.pdbx_seq_one_letter_code
;MHHHHHHSGLVKMSHPSGDVEACMVQVTCGSMTLNGLWLDNTVWCPRHVMCPADQLSDPNYDALLISMTNHSFSVQKHIG
APANLRVVGHAMQGTLLKLTVDVANPSTPAYTFTTVKPGAAFSVLACYNGRPTGTFTVVMRPNYTIKGSFLCGSCGSVGY
TKEGSVINFCYMHQMELANGTHTGSAFDGTMYGAFMDKQVHQVQLTDKYCSVNVVAWLYAAILNGCAWFVKPNRTSVVSF
NEWALANQFTEFVGTQSVDMLAVKTGVAIEQLLYAIQQLYTGFQGKQILGSTMLEDEFTPEDVNMQIMGVVMQ
;
_entity_poly.pdbx_strand_id   A,B
#
# COMPACT_ATOMS: atom_id res chain seq x y z
N HIS A 6 0.37 -17.03 -14.15
CA HIS A 6 -0.84 -16.63 -13.35
C HIS A 6 -0.50 -15.79 -12.09
N HIS A 7 -0.85 -14.50 -12.16
CA HIS A 7 -0.68 -13.60 -11.01
C HIS A 7 -1.49 -14.09 -9.81
N SER A 8 -0.78 -14.39 -8.70
CA SER A 8 -1.45 -14.92 -7.52
C SER A 8 -2.43 -13.93 -6.91
N GLY A 9 -2.25 -12.65 -7.20
CA GLY A 9 -3.02 -11.63 -6.53
C GLY A 9 -2.57 -11.38 -5.11
N LEU A 10 -1.43 -11.91 -4.70
CA LEU A 10 -0.86 -11.62 -3.39
C LEU A 10 -0.03 -10.34 -3.51
N VAL A 11 -0.54 -9.24 -2.94
CA VAL A 11 0.07 -7.93 -3.05
C VAL A 11 0.16 -7.30 -1.66
N LYS A 12 1.00 -6.27 -1.54
CA LYS A 12 1.16 -5.57 -0.27
C LYS A 12 -0.07 -4.68 -0.08
N MET A 13 -0.90 -4.99 0.90
CA MET A 13 -2.19 -4.36 1.08
C MET A 13 -2.24 -3.70 2.45
N SER A 14 -2.72 -2.46 2.50
CA SER A 14 -2.84 -1.70 3.73
C SER A 14 -4.30 -1.60 4.14
N HIS A 15 -4.54 -1.37 5.44
CA HIS A 15 -5.90 -1.13 5.89
C HIS A 15 -6.38 0.23 5.36
N PRO A 16 -7.68 0.37 5.11
CA PRO A 16 -8.25 1.72 4.90
C PRO A 16 -7.87 2.64 6.04
N SER A 17 -7.36 3.82 5.68
CA SER A 17 -6.79 4.74 6.66
C SER A 17 -7.78 5.77 7.18
N GLY A 18 -9.02 5.77 6.67
CA GLY A 18 -9.97 6.82 7.01
C GLY A 18 -10.07 7.06 8.51
N ASP A 19 -10.34 5.99 9.26
CA ASP A 19 -10.53 6.15 10.70
C ASP A 19 -9.33 6.79 11.38
N VAL A 20 -8.11 6.51 10.90
CA VAL A 20 -6.95 7.13 11.53
C VAL A 20 -6.71 8.53 11.02
N GLU A 21 -7.01 8.81 9.75
CA GLU A 21 -6.75 10.15 9.23
C GLU A 21 -7.45 11.21 10.06
N ALA A 22 -8.61 10.86 10.61
CA ALA A 22 -9.42 11.81 11.35
C ALA A 22 -8.88 12.04 12.74
N CYS A 23 -7.84 11.30 13.12
CA CYS A 23 -7.24 11.47 14.44
C CYS A 23 -5.93 12.22 14.39
N MET A 24 -5.39 12.47 13.21
CA MET A 24 -4.07 13.04 13.09
C MET A 24 -4.13 14.55 13.30
N VAL A 25 -3.25 15.05 14.16
CA VAL A 25 -3.11 16.48 14.40
C VAL A 25 -1.65 16.87 14.30
N GLN A 26 -1.43 18.17 14.33
CA GLN A 26 -0.10 18.74 14.42
C GLN A 26 0.14 19.26 15.84
N VAL A 27 1.33 19.00 16.34
CA VAL A 27 1.74 19.39 17.68
C VAL A 27 2.98 20.27 17.57
N THR A 28 2.97 21.42 18.25
CA THR A 28 4.12 22.30 18.26
C THR A 28 4.56 22.58 19.68
N CYS A 29 5.87 22.74 19.86
CA CYS A 29 6.48 23.08 21.14
C CYS A 29 7.66 23.98 20.86
N GLY A 30 7.48 25.28 21.06
CA GLY A 30 8.54 26.22 20.73
C GLY A 30 8.82 26.22 19.25
N SER A 31 10.01 25.74 18.88
CA SER A 31 10.40 25.70 17.48
C SER A 31 10.11 24.37 16.78
N MET A 32 9.93 23.29 17.53
CA MET A 32 9.73 21.97 16.95
C MET A 32 8.25 21.71 16.69
N THR A 33 7.96 21.02 15.60
CA THR A 33 6.59 20.61 15.27
C THR A 33 6.64 19.24 14.61
N LEU A 34 5.62 18.45 14.88
CA LEU A 34 5.51 17.11 14.32
C LEU A 34 4.05 16.65 14.44
N ASN A 35 3.80 15.37 14.16
CA ASN A 35 2.45 14.85 14.14
C ASN A 35 2.08 14.24 15.49
N GLY A 36 0.79 14.29 15.82
CA GLY A 36 0.27 13.57 16.95
C GLY A 36 -1.02 12.87 16.63
N LEU A 37 -1.45 12.05 17.59
CA LEU A 37 -2.63 11.21 17.46
C LEU A 37 -3.65 11.62 18.50
N TRP A 38 -4.80 12.15 18.03
CA TRP A 38 -5.82 12.75 18.88
C TRP A 38 -6.95 11.74 19.09
N LEU A 39 -6.96 11.09 20.26
CA LEU A 39 -8.00 10.15 20.68
C LEU A 39 -8.70 10.69 21.92
N ASP A 40 -10.03 10.78 21.89
CA ASP A 40 -10.79 11.35 23.03
C ASP A 40 -10.14 12.69 23.39
N ASN A 41 -9.75 12.90 24.63
CA ASN A 41 -9.19 14.17 25.08
C ASN A 41 -7.68 14.12 25.21
N THR A 42 -7.05 13.13 24.58
CA THR A 42 -5.62 12.88 24.67
C THR A 42 -4.96 13.08 23.31
N VAL A 43 -3.84 13.77 23.28
CA VAL A 43 -3.02 13.86 22.07
C VAL A 43 -1.67 13.20 22.37
N TRP A 44 -1.34 12.19 21.59
CA TRP A 44 -0.08 11.48 21.72
C TRP A 44 0.90 12.03 20.69
N CYS A 45 2.16 12.22 21.11
CA CYS A 45 3.21 12.60 20.18
C CYS A 45 4.56 12.18 20.75
N PRO A 46 5.60 12.15 19.93
CA PRO A 46 6.95 11.85 20.46
C PRO A 46 7.47 12.98 21.37
N ARG A 47 8.10 12.58 22.47
CA ARG A 47 8.54 13.58 23.44
C ARG A 47 9.67 14.45 22.91
N HIS A 48 10.35 14.02 21.84
CA HIS A 48 11.43 14.85 21.39
C HIS A 48 10.95 16.14 20.73
N VAL A 49 9.62 16.34 20.64
CA VAL A 49 9.11 17.63 20.22
C VAL A 49 9.58 18.71 21.18
N MET A 50 9.99 18.32 22.40
CA MET A 50 10.46 19.24 23.43
C MET A 50 11.92 19.68 23.23
N CYS A 51 12.66 19.05 22.31
CA CYS A 51 14.09 19.37 22.26
C CYS A 51 14.33 20.55 21.34
N PRO A 52 15.13 21.52 21.74
CA PRO A 52 15.66 22.47 20.76
C PRO A 52 16.70 21.80 19.87
N ALA A 53 17.01 22.46 18.75
CA ALA A 53 18.04 21.92 17.85
C ALA A 53 19.40 21.85 18.53
N ASP A 54 19.66 22.72 19.50
CA ASP A 54 20.91 22.66 20.24
C ASP A 54 21.17 21.23 20.69
N GLN A 55 20.26 20.68 21.49
CA GLN A 55 20.57 19.55 22.34
C GLN A 55 19.95 18.24 21.87
N LEU A 56 20.04 17.90 20.59
CA LEU A 56 19.48 16.64 20.12
C LEU A 56 20.36 15.44 20.42
N SER A 57 21.64 15.68 20.73
CA SER A 57 22.59 14.60 20.94
C SER A 57 22.29 13.84 22.23
N ASP A 58 21.85 14.52 23.25
CA ASP A 58 21.64 13.83 24.51
C ASP A 58 20.64 14.62 25.33
N PRO A 59 19.37 14.57 24.98
CA PRO A 59 18.39 15.43 25.64
C PRO A 59 18.12 14.97 27.05
N ASN A 60 17.84 15.94 27.93
CA ASN A 60 17.45 15.66 29.31
C ASN A 60 15.92 15.81 29.40
N TYR A 61 15.21 14.70 29.17
CA TYR A 61 13.77 14.80 29.00
C TYR A 61 13.07 15.15 30.31
N ASP A 62 13.60 14.70 31.44
CA ASP A 62 13.03 15.10 32.72
C ASP A 62 13.14 16.60 32.92
N ALA A 63 14.32 17.18 32.66
CA ALA A 63 14.47 18.61 32.84
C ALA A 63 13.62 19.37 31.84
N LEU A 64 13.53 18.86 30.60
CA LEU A 64 12.74 19.53 29.60
C LEU A 64 11.28 19.59 30.02
N LEU A 65 10.76 18.47 30.53
CA LEU A 65 9.34 18.39 30.88
C LEU A 65 9.01 19.34 32.02
N ILE A 66 9.79 19.27 33.10
CA ILE A 66 9.63 20.19 34.22
C ILE A 66 9.58 21.63 33.74
N SER A 67 10.41 21.97 32.75
CA SER A 67 10.46 23.34 32.26
C SER A 67 9.20 23.76 31.53
N MET A 68 8.33 22.82 31.17
CA MET A 68 7.19 23.12 30.33
C MET A 68 5.95 23.46 31.14
N THR A 69 5.06 24.22 30.53
CA THR A 69 3.70 24.43 30.98
C THR A 69 2.75 23.97 29.88
N ASN A 70 1.46 23.91 30.21
CA ASN A 70 0.46 23.56 29.20
C ASN A 70 0.58 24.49 28.00
N HIS A 71 0.87 25.77 28.25
CA HIS A 71 0.97 26.77 27.21
C HIS A 71 2.17 26.57 26.32
N SER A 72 3.09 25.66 26.68
CA SER A 72 4.25 25.38 25.85
C SER A 72 3.90 24.59 24.60
N PHE A 73 2.75 23.93 24.60
CA PHE A 73 2.34 23.07 23.51
C PHE A 73 1.13 23.67 22.81
N SER A 74 1.12 23.53 21.50
CA SER A 74 0.00 23.95 20.68
C SER A 74 -0.38 22.80 19.77
N VAL A 75 -1.67 22.51 19.70
CA VAL A 75 -2.22 21.44 18.90
C VAL A 75 -3.18 22.04 17.91
N GLN A 76 -3.01 21.72 16.63
CA GLN A 76 -3.90 22.21 15.59
C GLN A 76 -4.32 21.06 14.68
N LYS A 77 -5.56 21.12 14.21
CA LYS A 77 -6.09 20.12 13.30
C LYS A 77 -6.19 20.71 11.90
N HIS A 78 -5.59 20.02 10.93
CA HIS A 78 -5.78 20.28 9.51
C HIS A 78 -6.63 19.22 8.82
N ILE A 79 -6.40 17.94 9.10
CA ILE A 79 -7.25 16.87 8.56
C ILE A 79 -8.68 17.11 9.01
N ALA A 83 -10.61 22.35 14.08
CA ALA A 83 -10.95 22.38 15.50
C ALA A 83 -10.01 23.30 16.29
N ASN A 84 -10.44 23.69 17.50
CA ASN A 84 -9.71 24.66 18.33
C ASN A 84 -9.35 23.98 19.66
N LEU A 85 -8.11 23.51 19.76
CA LEU A 85 -7.67 22.67 20.86
C LEU A 85 -6.70 23.41 21.77
N ARG A 86 -7.02 23.44 23.06
CA ARG A 86 -6.17 24.01 24.09
C ARG A 86 -5.65 22.89 24.98
N VAL A 87 -4.36 22.95 25.30
CA VAL A 87 -3.73 21.94 26.14
C VAL A 87 -3.98 22.26 27.60
N VAL A 88 -4.64 21.34 28.29
CA VAL A 88 -4.94 21.49 29.70
C VAL A 88 -4.17 20.51 30.55
N GLY A 89 -3.27 19.74 29.96
CA GLY A 89 -2.46 18.81 30.72
C GLY A 89 -1.30 18.35 29.88
N HIS A 90 -0.27 17.89 30.56
CA HIS A 90 0.88 17.33 29.87
C HIS A 90 1.58 16.36 30.80
N ALA A 91 1.96 15.21 30.23
CA ALA A 91 2.63 14.16 30.96
C ALA A 91 3.51 13.39 29.97
N MET A 92 4.48 12.66 30.52
CA MET A 92 5.36 11.79 29.78
C MET A 92 5.01 10.34 30.08
N GLN A 93 5.12 9.48 29.07
CA GLN A 93 5.00 8.03 29.23
C GLN A 93 6.04 7.39 28.33
N GLY A 94 7.23 7.13 28.89
CA GLY A 94 8.31 6.55 28.09
C GLY A 94 8.83 7.59 27.12
N THR A 95 8.92 7.21 25.85
CA THR A 95 9.35 8.10 24.79
C THR A 95 8.21 8.92 24.18
N LEU A 96 7.02 8.92 24.76
CA LEU A 96 5.88 9.65 24.23
C LEU A 96 5.42 10.73 25.20
N LEU A 97 4.82 11.80 24.66
CA LEU A 97 4.03 12.72 25.45
C LEU A 97 2.56 12.31 25.37
N LYS A 98 1.87 12.43 26.50
CA LYS A 98 0.42 12.26 26.59
C LYS A 98 -0.11 13.64 26.99
N LEU A 99 -0.50 14.42 25.98
CA LEU A 99 -1.08 15.75 26.20
C LEU A 99 -2.59 15.63 26.41
N THR A 100 -3.13 16.41 27.34
CA THR A 100 -4.57 16.44 27.52
C THR A 100 -5.12 17.74 26.95
N VAL A 101 -6.20 17.64 26.18
CA VAL A 101 -6.81 18.80 25.55
C VAL A 101 -8.27 18.86 25.99
N ASP A 102 -8.90 19.99 25.71
CA ASP A 102 -10.20 20.29 26.28
C ASP A 102 -11.36 19.79 25.42
N VAL A 103 -11.15 19.50 24.15
CA VAL A 103 -12.20 19.00 23.26
C VAL A 103 -11.92 17.54 22.93
N ALA A 104 -12.98 16.73 22.94
CA ALA A 104 -12.86 15.32 22.58
C ALA A 104 -12.93 15.17 21.07
N ASN A 105 -12.09 14.30 20.53
CA ASN A 105 -12.13 14.09 19.10
C ASN A 105 -13.47 13.44 18.76
N PRO A 106 -14.35 14.11 18.00
CA PRO A 106 -15.65 13.48 17.69
C PRO A 106 -15.55 12.25 16.82
N SER A 107 -14.46 12.10 16.07
CA SER A 107 -14.27 10.94 15.19
C SER A 107 -13.27 9.96 15.79
N THR A 108 -13.30 9.76 17.11
CA THR A 108 -12.43 8.76 17.69
C THR A 108 -12.99 7.39 17.37
N PRO A 109 -12.23 6.52 16.71
CA PRO A 109 -12.71 5.16 16.47
C PRO A 109 -12.54 4.31 17.72
N ALA A 110 -13.29 3.22 17.77
CA ALA A 110 -13.00 2.22 18.78
C ALA A 110 -11.57 1.75 18.55
N TYR A 111 -10.80 1.66 19.64
CA TYR A 111 -9.38 1.37 19.50
C TYR A 111 -8.85 0.59 20.69
N THR A 112 -7.65 0.01 20.51
CA THR A 112 -6.85 -0.58 21.56
C THR A 112 -5.38 -0.30 21.27
N PHE A 113 -4.54 -0.68 22.21
CA PHE A 113 -3.11 -0.51 22.09
C PHE A 113 -2.49 -1.90 22.14
N THR A 114 -1.63 -2.19 21.17
CA THR A 114 -0.96 -3.48 21.13
C THR A 114 0.50 -3.26 20.73
N THR A 115 1.34 -4.15 21.21
CA THR A 115 2.76 -4.15 20.89
C THR A 115 2.98 -5.31 19.94
N VAL A 116 3.34 -5.01 18.70
CA VAL A 116 3.47 -6.06 17.70
C VAL A 116 4.77 -6.81 17.96
N LYS A 117 4.81 -8.03 17.54
CA LYS A 117 5.99 -8.86 17.64
C LYS A 117 6.62 -8.99 16.26
N PRO A 118 7.92 -9.26 16.18
CA PRO A 118 8.56 -9.46 14.86
C PRO A 118 7.78 -10.43 14.01
N GLY A 119 7.71 -10.15 12.71
CA GLY A 119 6.98 -10.95 11.75
C GLY A 119 5.60 -10.44 11.43
N ALA A 120 5.02 -9.61 12.29
CA ALA A 120 3.67 -9.11 12.10
C ALA A 120 3.68 -7.85 11.24
N ALA A 121 2.66 -7.74 10.41
CA ALA A 121 2.49 -6.60 9.53
C ALA A 121 1.53 -5.60 10.16
N PHE A 122 1.77 -4.33 9.86
CA PHE A 122 0.82 -3.30 10.21
C PHE A 122 0.92 -2.17 9.18
N SER A 123 -0.12 -1.35 9.13
CA SER A 123 -0.22 -0.25 8.19
C SER A 123 0.30 1.03 8.85
N VAL A 124 0.95 1.87 8.06
CA VAL A 124 1.44 3.15 8.50
C VAL A 124 0.74 4.22 7.70
N LEU A 125 0.24 5.23 8.38
CA LEU A 125 -0.26 6.43 7.72
C LEU A 125 0.82 7.50 7.88
N ALA A 126 1.53 7.78 6.81
CA ALA A 126 2.61 8.76 6.84
C ALA A 126 2.04 10.16 6.76
N CYS A 127 2.47 11.03 7.69
CA CYS A 127 1.90 12.35 7.86
C CYS A 127 3.02 13.37 7.95
N TYR A 128 2.72 14.57 7.44
CA TYR A 128 3.64 15.71 7.49
C TYR A 128 2.82 16.94 7.85
N ASN A 129 3.16 17.59 8.96
CA ASN A 129 2.45 18.77 9.45
C ASN A 129 0.98 18.45 9.70
N GLY A 130 0.73 17.27 10.26
CA GLY A 130 -0.63 16.86 10.53
C GLY A 130 -1.46 16.53 9.31
N ARG A 131 -0.89 16.56 8.10
CA ARG A 131 -1.66 16.22 6.90
C ARG A 131 -1.28 14.82 6.44
N PRO A 132 -2.20 13.87 6.44
CA PRO A 132 -1.92 12.54 5.87
C PRO A 132 -1.46 12.65 4.42
N THR A 133 -0.37 11.97 4.08
CA THR A 133 0.11 12.01 2.71
C THR A 133 0.23 10.65 2.04
N GLY A 134 0.36 9.56 2.77
CA GLY A 134 0.55 8.27 2.16
C GLY A 134 0.32 7.17 3.16
N THR A 135 0.02 5.97 2.64
CA THR A 135 -0.14 4.81 3.51
C THR A 135 0.57 3.61 2.88
N PHE A 136 1.20 2.80 3.72
CA PHE A 136 1.93 1.62 3.28
C PHE A 136 1.98 0.59 4.41
N THR A 137 2.32 -0.63 4.03
CA THR A 137 2.37 -1.76 4.94
C THR A 137 3.82 -2.14 5.18
N VAL A 138 4.12 -2.39 6.45
CA VAL A 138 5.45 -2.75 6.90
C VAL A 138 5.35 -4.00 7.75
N VAL A 139 6.47 -4.72 7.85
CA VAL A 139 6.61 -5.85 8.74
C VAL A 139 7.63 -5.48 9.82
N MET A 140 7.27 -5.68 11.08
CA MET A 140 8.22 -5.52 12.18
C MET A 140 9.34 -6.55 12.03
N ARG A 141 10.55 -6.09 11.74
CA ARG A 141 11.65 -7.03 11.47
C ARG A 141 12.15 -7.67 12.75
N PRO A 142 12.72 -8.88 12.66
CA PRO A 142 13.31 -9.52 13.86
C PRO A 142 14.36 -8.70 14.58
N ASN A 143 14.95 -7.68 13.96
CA ASN A 143 15.75 -6.74 14.72
C ASN A 143 14.98 -5.48 15.13
N TYR A 144 13.63 -5.55 15.12
CA TYR A 144 12.78 -4.49 15.66
C TYR A 144 12.92 -3.15 14.94
N THR A 145 13.20 -3.16 13.64
CA THR A 145 13.11 -1.96 12.82
C THR A 145 12.12 -2.21 11.70
N ILE A 146 11.76 -1.15 11.00
CA ILE A 146 10.89 -1.26 9.84
C ILE A 146 11.49 -0.49 8.69
N LYS A 147 11.06 -0.87 7.49
CA LYS A 147 11.47 -0.20 6.27
C LYS A 147 10.51 0.95 5.99
N GLY A 148 9.64 0.83 5.00
CA GLY A 148 8.72 1.93 4.75
C GLY A 148 9.40 3.21 4.27
N SER A 149 8.61 4.27 4.16
CA SER A 149 9.08 5.55 3.61
C SER A 149 8.76 6.65 4.62
N PHE A 150 9.80 7.26 5.17
CA PHE A 150 9.68 8.26 6.22
C PHE A 150 10.70 9.34 5.91
N LEU A 151 10.24 10.57 5.79
CA LEU A 151 11.11 11.70 5.49
C LEU A 151 11.07 12.65 6.68
N CYS A 152 11.78 13.79 6.55
CA CYS A 152 11.76 14.81 7.59
C CYS A 152 10.34 15.30 7.85
N GLY A 153 9.97 15.39 9.13
CA GLY A 153 8.63 15.81 9.50
C GLY A 153 7.64 14.67 9.70
N SER A 154 8.06 13.42 9.49
CA SER A 154 7.10 12.33 9.59
C SER A 154 6.95 11.79 11.02
N CYS A 155 7.76 12.23 11.96
CA CYS A 155 7.68 11.68 13.31
C CYS A 155 6.28 11.92 13.87
N GLY A 156 5.82 10.98 14.67
CA GLY A 156 4.45 11.01 15.10
C GLY A 156 3.46 10.33 14.17
N SER A 157 3.85 9.98 12.94
CA SER A 157 3.03 9.10 12.10
C SER A 157 2.82 7.77 12.83
N VAL A 158 1.66 7.16 12.62
CA VAL A 158 1.27 6.04 13.46
C VAL A 158 1.08 4.81 12.60
N GLY A 159 1.35 3.66 13.22
CA GLY A 159 1.09 2.37 12.64
C GLY A 159 -0.01 1.68 13.42
N TYR A 160 -0.74 0.79 12.75
CA TYR A 160 -1.99 0.25 13.29
C TYR A 160 -2.36 -1.02 12.52
N THR A 161 -3.08 -1.91 13.19
CA THR A 161 -3.82 -2.99 12.55
C THR A 161 -5.32 -2.77 12.81
N LYS A 162 -6.14 -3.68 12.29
CA LYS A 162 -7.58 -3.63 12.43
C LYS A 162 -8.16 -5.02 12.68
N GLU A 163 -9.13 -5.07 13.58
CA GLU A 163 -9.95 -6.25 13.86
C GLU A 163 -11.40 -5.75 13.85
N GLY A 164 -12.08 -5.93 12.73
CA GLY A 164 -13.40 -5.34 12.58
C GLY A 164 -13.29 -3.87 12.27
N SER A 165 -14.07 -3.07 12.99
CA SER A 165 -13.91 -1.61 12.98
C SER A 165 -13.04 -1.16 14.14
N VAL A 166 -12.39 -2.09 14.83
CA VAL A 166 -11.53 -1.80 15.96
C VAL A 166 -10.08 -1.62 15.49
N ILE A 167 -9.53 -0.44 15.69
CA ILE A 167 -8.15 -0.14 15.32
C ILE A 167 -7.24 -0.44 16.48
N ASN A 168 -6.19 -1.24 16.24
CA ASN A 168 -5.16 -1.51 17.24
C ASN A 168 -3.96 -0.65 16.87
N PHE A 169 -3.75 0.41 17.64
CA PHE A 169 -2.61 1.27 17.42
C PHE A 169 -1.37 0.59 17.99
N CYS A 170 -0.30 0.59 17.21
CA CYS A 170 0.88 -0.17 17.60
C CYS A 170 2.19 0.54 17.37
N TYR A 171 2.24 1.70 16.71
CA TYR A 171 3.52 2.30 16.38
C TYR A 171 3.37 3.82 16.28
N MET A 172 4.35 4.54 16.84
CA MET A 172 4.45 5.98 16.61
C MET A 172 5.89 6.29 16.22
N HIS A 173 6.04 6.85 15.01
CA HIS A 173 7.35 6.92 14.38
C HIS A 173 8.27 7.93 15.08
N GLN A 174 9.54 7.54 15.27
CA GLN A 174 10.50 8.36 15.99
C GLN A 174 11.77 8.69 15.21
N MET A 175 12.36 7.75 14.49
CA MET A 175 13.66 8.03 13.92
C MET A 175 14.06 7.05 12.84
N GLU A 176 15.13 7.42 12.14
CA GLU A 176 15.75 6.66 11.08
C GLU A 176 17.15 6.29 11.52
N LEU A 177 17.53 5.03 11.34
CA LEU A 177 18.90 4.63 11.58
C LEU A 177 19.76 4.95 10.36
N ALA A 178 21.08 4.86 10.55
CA ALA A 178 22.01 5.20 9.48
C ALA A 178 21.83 4.29 8.27
N ASN A 179 21.36 3.06 8.46
CA ASN A 179 21.07 2.17 7.34
C ASN A 179 19.75 2.49 6.63
N GLY A 180 19.07 3.58 6.99
CA GLY A 180 17.80 3.94 6.35
C GLY A 180 16.56 3.21 6.86
N THR A 181 16.69 2.29 7.82
CA THR A 181 15.53 1.67 8.42
C THR A 181 15.04 2.54 9.57
N HIS A 182 13.90 2.16 10.16
CA HIS A 182 13.20 3.06 11.07
C HIS A 182 12.74 2.36 12.31
N THR A 183 12.55 3.14 13.36
CA THR A 183 11.90 2.63 14.55
C THR A 183 11.09 3.71 15.22
N GLY A 184 10.29 3.29 16.19
CA GLY A 184 9.35 4.14 16.86
C GLY A 184 8.94 3.49 18.17
N SER A 185 7.91 4.07 18.80
CA SER A 185 7.42 3.61 20.09
C SER A 185 6.13 2.82 19.94
N ALA A 186 5.89 1.91 20.88
CA ALA A 186 4.52 1.49 21.13
C ALA A 186 3.86 2.52 22.04
N PHE A 187 2.54 2.44 22.17
CA PHE A 187 1.84 3.46 22.94
C PHE A 187 1.91 3.22 24.45
N ASP A 188 2.53 2.14 24.90
CA ASP A 188 2.98 2.04 26.28
C ASP A 188 4.24 2.87 26.53
N GLY A 189 4.83 3.45 25.48
CA GLY A 189 5.93 4.39 25.62
C GLY A 189 7.29 3.79 25.40
N THR A 190 7.37 2.47 25.25
CA THR A 190 8.65 1.81 25.00
C THR A 190 9.03 1.86 23.53
N MET A 191 10.31 2.12 23.27
CA MET A 191 10.82 2.10 21.92
C MET A 191 11.02 0.66 21.45
N TYR A 192 10.56 0.35 20.24
CA TYR A 192 10.83 -0.96 19.67
C TYR A 192 12.33 -1.17 19.52
N GLY A 193 12.83 -2.26 20.08
CA GLY A 193 14.22 -2.61 19.90
C GLY A 193 15.18 -1.89 20.82
N ALA A 194 14.70 -1.36 21.94
CA ALA A 194 15.55 -0.76 22.95
C ALA A 194 16.27 0.50 22.48
N PHE A 195 16.07 0.95 21.26
CA PHE A 195 16.74 2.17 20.84
C PHE A 195 16.38 3.34 21.77
N MET A 196 17.31 4.26 21.87
CA MET A 196 17.17 5.46 22.66
C MET A 196 16.80 6.59 21.74
N ASP A 197 15.89 7.45 22.20
CA ASP A 197 15.54 8.64 21.44
C ASP A 197 16.58 9.73 21.74
N LYS A 198 17.79 9.46 21.24
CA LYS A 198 18.92 10.37 21.24
C LYS A 198 19.55 10.32 19.85
N GLN A 199 19.99 11.45 19.34
CA GLN A 199 20.59 11.49 18.02
C GLN A 199 22.05 11.04 18.16
N VAL A 200 22.19 9.78 18.53
CA VAL A 200 23.48 9.16 18.75
C VAL A 200 23.49 7.85 17.99
N HIS A 201 24.56 7.63 17.23
CA HIS A 201 24.71 6.42 16.43
C HIS A 201 24.35 5.17 17.21
N GLN A 202 23.43 4.40 16.67
CA GLN A 202 22.99 3.15 17.28
C GLN A 202 22.85 2.14 16.15
N VAL A 203 23.24 0.92 16.42
CA VAL A 203 23.39 -0.12 15.41
C VAL A 203 22.24 -1.10 15.54
N GLN A 204 21.50 -1.29 14.44
CA GLN A 204 20.58 -2.42 14.31
C GLN A 204 21.34 -3.74 14.41
N LEU A 205 20.75 -4.72 15.11
CA LEU A 205 21.22 -6.10 15.03
C LEU A 205 20.96 -6.68 13.63
N THR A 206 21.54 -7.85 13.38
CA THR A 206 21.32 -8.50 12.09
C THR A 206 19.88 -8.94 11.95
N ASP A 207 19.41 -8.89 10.73
CA ASP A 207 18.05 -9.27 10.40
C ASP A 207 18.02 -10.77 10.13
N LYS A 208 16.87 -11.37 10.38
CA LYS A 208 16.65 -12.80 10.15
C LYS A 208 15.43 -12.97 9.25
N TYR A 209 15.30 -14.17 8.68
CA TYR A 209 14.11 -14.54 7.94
C TYR A 209 12.98 -14.90 8.89
N CYS A 210 11.81 -14.32 8.65
CA CYS A 210 10.61 -14.64 9.44
C CYS A 210 10.04 -15.96 8.95
N SER A 211 10.40 -17.03 9.66
CA SER A 211 10.04 -18.40 9.26
C SER A 211 8.55 -18.55 9.01
N VAL A 212 7.71 -18.10 9.95
CA VAL A 212 6.28 -18.34 9.82
C VAL A 212 5.72 -17.63 8.59
N ASN A 213 6.26 -16.47 8.23
CA ASN A 213 5.82 -15.79 7.03
C ASN A 213 6.29 -16.53 5.78
N VAL A 214 7.54 -17.01 5.77
CA VAL A 214 8.03 -17.76 4.61
C VAL A 214 7.12 -18.93 4.34
N VAL A 215 6.73 -19.63 5.41
CA VAL A 215 5.83 -20.77 5.24
C VAL A 215 4.53 -20.33 4.59
N ALA A 216 3.93 -19.26 5.09
CA ALA A 216 2.69 -18.76 4.51
C ALA A 216 2.86 -18.48 3.02
N TRP A 217 4.00 -17.90 2.65
CA TRP A 217 4.26 -17.57 1.26
C TRP A 217 4.33 -18.82 0.39
N LEU A 218 4.95 -19.89 0.89
CA LEU A 218 4.98 -21.12 0.11
C LEU A 218 3.60 -21.76 0.04
N TYR A 219 2.81 -21.66 1.11
CA TYR A 219 1.41 -22.06 1.03
C TYR A 219 0.71 -21.28 -0.07
N ALA A 220 0.91 -19.96 -0.10
CA ALA A 220 0.38 -19.14 -1.19
C ALA A 220 0.79 -19.69 -2.54
N ALA A 221 2.07 -20.04 -2.69
CA ALA A 221 2.55 -20.65 -3.92
C ALA A 221 1.76 -21.92 -4.24
N ILE A 222 1.59 -22.79 -3.24
CA ILE A 222 0.88 -24.03 -3.51
C ILE A 222 -0.55 -23.74 -3.94
N LEU A 223 -1.19 -22.74 -3.31
CA LEU A 223 -2.56 -22.39 -3.66
C LEU A 223 -2.66 -21.80 -5.06
N ASN A 224 -1.56 -21.28 -5.61
CA ASN A 224 -1.54 -20.68 -6.93
C ASN A 224 -1.10 -21.67 -8.01
N GLY A 225 -0.94 -22.95 -7.67
CA GLY A 225 -0.52 -23.96 -8.63
C GLY A 225 0.96 -24.18 -8.76
N CYS A 226 1.74 -23.85 -7.74
CA CYS A 226 3.19 -23.95 -7.76
C CYS A 226 3.55 -24.78 -6.53
N ALA A 227 3.81 -26.08 -6.73
CA ALA A 227 4.07 -26.98 -5.60
C ALA A 227 5.22 -27.95 -5.90
N TRP A 228 6.07 -27.63 -6.89
CA TRP A 228 7.18 -28.49 -7.24
C TRP A 228 8.13 -28.73 -6.08
N PHE A 229 8.14 -27.84 -5.10
CA PHE A 229 9.04 -27.92 -3.96
C PHE A 229 8.47 -28.73 -2.79
N VAL A 230 7.24 -29.22 -2.93
CA VAL A 230 6.62 -30.04 -1.89
C VAL A 230 7.02 -31.48 -2.15
N LYS A 231 7.78 -32.07 -1.24
CA LYS A 231 8.11 -33.48 -1.23
C LYS A 231 7.44 -34.11 -0.02
N PRO A 232 7.51 -35.42 0.12
CA PRO A 232 6.89 -36.05 1.31
C PRO A 232 7.69 -35.82 2.59
N ASN A 233 8.93 -35.36 2.48
CA ASN A 233 9.81 -35.20 3.62
C ASN A 233 9.31 -34.13 4.59
N ARG A 234 9.64 -34.32 5.85
CA ARG A 234 9.18 -33.46 6.93
C ARG A 234 10.35 -33.06 7.82
N THR A 235 10.25 -31.87 8.40
CA THR A 235 11.12 -31.42 9.48
C THR A 235 10.23 -30.92 10.62
N SER A 236 10.55 -31.33 11.84
CA SER A 236 9.70 -30.95 12.96
C SER A 236 9.90 -29.49 13.35
N VAL A 237 8.88 -28.93 14.01
CA VAL A 237 9.03 -27.59 14.59
C VAL A 237 10.32 -27.53 15.39
N VAL A 238 10.54 -28.52 16.28
CA VAL A 238 11.65 -28.44 17.22
C VAL A 238 12.99 -28.60 16.51
N SER A 239 13.07 -29.58 15.59
CA SER A 239 14.29 -29.71 14.79
C SER A 239 14.54 -28.46 13.98
N PHE A 240 13.49 -27.94 13.34
CA PHE A 240 13.67 -26.77 12.49
C PHE A 240 14.20 -25.60 13.31
N ASN A 241 13.64 -25.37 14.49
CA ASN A 241 14.08 -24.24 15.28
C ASN A 241 15.53 -24.37 15.69
N GLU A 242 16.05 -25.61 15.82
CA GLU A 242 17.49 -25.77 16.03
C GLU A 242 18.25 -25.42 14.76
N TRP A 243 17.78 -25.90 13.60
CA TRP A 243 18.42 -25.51 12.34
C TRP A 243 18.39 -23.99 12.16
N ALA A 244 17.32 -23.32 12.62
CA ALA A 244 17.16 -21.89 12.33
C ALA A 244 18.22 -21.05 13.05
N LEU A 245 18.52 -21.41 14.30
CA LEU A 245 19.55 -20.70 15.05
C LEU A 245 20.79 -20.47 14.22
N ALA A 246 21.24 -21.53 13.55
CA ALA A 246 22.48 -21.49 12.82
C ALA A 246 22.34 -20.87 11.44
N ASN A 247 21.12 -20.58 10.95
CA ASN A 247 20.98 -20.16 9.56
C ASN A 247 20.12 -18.91 9.39
N GLN A 248 20.07 -18.04 10.38
CA GLN A 248 19.52 -16.71 10.18
C GLN A 248 18.02 -16.75 9.95
N PHE A 249 17.34 -17.67 10.63
CA PHE A 249 15.88 -17.76 10.62
C PHE A 249 15.38 -17.61 12.05
N THR A 250 14.17 -17.07 12.18
CA THR A 250 13.52 -16.98 13.48
C THR A 250 12.96 -18.34 13.89
N GLU A 251 12.69 -18.46 15.17
CA GLU A 251 11.89 -19.58 15.66
C GLU A 251 10.55 -19.64 14.93
N PHE A 252 10.20 -20.83 14.43
CA PHE A 252 8.88 -21.04 13.90
C PHE A 252 7.88 -21.23 15.05
N VAL A 253 6.70 -20.62 14.89
CA VAL A 253 5.66 -20.64 15.90
C VAL A 253 4.33 -20.75 15.18
N GLY A 254 3.70 -21.93 15.24
CA GLY A 254 2.46 -22.15 14.52
C GLY A 254 1.29 -21.34 15.08
N THR A 255 0.32 -21.11 14.19
CA THR A 255 -0.88 -20.35 14.53
C THR A 255 -2.10 -21.04 13.95
N GLN A 256 -3.27 -20.68 14.47
CA GLN A 256 -4.52 -21.12 13.83
C GLN A 256 -4.53 -20.69 12.37
N SER A 257 -3.99 -19.51 12.08
CA SER A 257 -3.93 -19.00 10.71
C SER A 257 -3.10 -19.91 9.79
N VAL A 258 -1.93 -20.34 10.24
CA VAL A 258 -1.11 -21.22 9.41
C VAL A 258 -1.77 -22.58 9.26
N ASP A 259 -2.43 -23.08 10.32
CA ASP A 259 -3.09 -24.39 10.22
C ASP A 259 -4.20 -24.40 9.17
N MET A 260 -4.98 -23.31 9.10
CA MET A 260 -5.96 -23.16 8.01
C MET A 260 -5.31 -23.42 6.66
N LEU A 261 -4.10 -22.89 6.46
CA LEU A 261 -3.45 -23.04 5.17
C LEU A 261 -3.05 -24.47 4.92
N ALA A 262 -2.69 -25.19 5.98
CA ALA A 262 -2.35 -26.60 5.80
C ALA A 262 -3.58 -27.40 5.40
N VAL A 263 -4.72 -27.09 6.03
CA VAL A 263 -5.95 -27.81 5.73
C VAL A 263 -6.41 -27.50 4.31
N LYS A 264 -6.39 -26.22 3.92
CA LYS A 264 -6.77 -25.85 2.56
C LYS A 264 -5.99 -26.66 1.51
N THR A 265 -4.69 -26.86 1.74
CA THR A 265 -3.79 -27.37 0.72
C THR A 265 -3.54 -28.87 0.79
N GLY A 266 -3.80 -29.49 1.94
CA GLY A 266 -3.38 -30.85 2.16
C GLY A 266 -1.93 -31.01 2.53
N VAL A 267 -1.18 -29.91 2.62
CA VAL A 267 0.26 -29.94 2.88
C VAL A 267 0.50 -29.53 4.32
N ALA A 268 1.35 -30.27 5.01
CA ALA A 268 1.59 -30.01 6.43
C ALA A 268 2.74 -29.05 6.61
N ILE A 269 2.67 -28.28 7.70
CA ILE A 269 3.70 -27.30 8.03
C ILE A 269 5.08 -27.95 8.01
N GLU A 270 5.17 -29.18 8.54
CA GLU A 270 6.46 -29.86 8.60
C GLU A 270 7.05 -30.08 7.22
N GLN A 271 6.21 -30.32 6.21
CA GLN A 271 6.70 -30.48 4.85
C GLN A 271 7.36 -29.20 4.35
N LEU A 272 6.77 -28.05 4.69
CA LEU A 272 7.37 -26.80 4.23
C LEU A 272 8.62 -26.43 5.02
N LEU A 273 8.68 -26.79 6.31
CA LEU A 273 9.90 -26.55 7.07
C LEU A 273 11.07 -27.24 6.41
N TYR A 274 10.90 -28.53 6.08
CA TYR A 274 11.89 -29.23 5.28
C TYR A 274 12.15 -28.50 3.97
N ALA A 275 11.10 -28.04 3.31
CA ALA A 275 11.28 -27.36 2.03
C ALA A 275 12.18 -26.15 2.19
N ILE A 276 12.05 -25.44 3.31
CA ILE A 276 12.80 -24.20 3.53
C ILE A 276 14.27 -24.51 3.73
N GLN A 277 14.59 -25.54 4.54
CA GLN A 277 15.97 -25.99 4.68
C GLN A 277 16.65 -26.17 3.33
N GLN A 278 15.96 -26.77 2.35
CA GLN A 278 16.51 -27.02 1.02
C GLN A 278 16.54 -25.77 0.14
N LEU A 279 15.48 -24.97 0.17
CA LEU A 279 15.44 -23.77 -0.65
C LEU A 279 16.36 -22.66 -0.14
N TYR A 280 16.70 -22.69 1.15
CA TYR A 280 17.58 -21.68 1.73
C TYR A 280 18.84 -21.49 0.92
N THR A 281 19.45 -22.60 0.48
CA THR A 281 20.70 -22.56 -0.26
C THR A 281 20.50 -22.43 -1.76
N GLY A 282 19.28 -22.16 -2.20
CA GLY A 282 19.03 -21.80 -3.59
C GLY A 282 17.85 -22.50 -4.22
N PHE A 283 17.30 -21.86 -5.24
CA PHE A 283 16.19 -22.41 -5.99
C PHE A 283 16.64 -23.30 -7.14
N GLN A 284 17.93 -23.31 -7.46
CA GLN A 284 18.54 -24.20 -8.44
C GLN A 284 17.90 -24.06 -9.82
N GLY A 285 17.61 -22.81 -10.20
CA GLY A 285 17.08 -22.52 -11.52
C GLY A 285 15.59 -22.28 -11.57
N LYS A 286 14.86 -22.63 -10.53
CA LYS A 286 13.41 -22.52 -10.52
C LYS A 286 12.96 -21.21 -9.89
N GLN A 287 11.69 -20.88 -10.13
CA GLN A 287 11.06 -19.71 -9.56
C GLN A 287 9.92 -20.10 -8.63
N ILE A 288 9.62 -19.21 -7.69
CA ILE A 288 8.41 -19.27 -6.89
C ILE A 288 7.80 -17.87 -6.87
N LEU A 289 6.53 -17.77 -7.28
CA LEU A 289 5.81 -16.51 -7.27
C LEU A 289 6.69 -15.38 -7.78
N GLY A 290 7.39 -15.65 -8.88
CA GLY A 290 8.23 -14.67 -9.53
C GLY A 290 9.51 -14.31 -8.80
N SER A 291 9.87 -15.05 -7.75
CA SER A 291 11.07 -14.77 -6.97
C SER A 291 12.06 -15.92 -7.14
N THR A 292 13.34 -15.58 -6.96
CA THR A 292 14.39 -16.56 -6.79
C THR A 292 14.90 -16.63 -5.35
N MET A 293 14.35 -15.80 -4.45
CA MET A 293 14.66 -15.83 -3.03
C MET A 293 13.37 -16.02 -2.23
N LEU A 294 13.48 -16.69 -1.07
CA LEU A 294 12.35 -16.80 -0.16
C LEU A 294 11.86 -15.41 0.23
N GLU A 295 10.55 -15.25 0.36
CA GLU A 295 9.92 -13.99 0.73
C GLU A 295 9.32 -14.15 2.13
N ASP A 296 9.55 -13.16 2.99
CA ASP A 296 9.10 -13.27 4.37
C ASP A 296 8.25 -12.09 4.83
N GLU A 297 7.75 -11.25 3.92
CA GLU A 297 6.91 -10.12 4.32
C GLU A 297 5.40 -10.33 4.09
N PHE A 298 4.97 -11.55 3.72
CA PHE A 298 3.55 -11.91 3.70
C PHE A 298 3.24 -12.84 4.86
N THR A 299 2.32 -12.42 5.73
CA THR A 299 1.94 -13.19 6.91
C THR A 299 0.93 -14.27 6.55
N PRO A 300 0.73 -15.25 7.44
CA PRO A 300 -0.35 -16.22 7.22
C PRO A 300 -1.70 -15.55 7.01
N GLU A 301 -1.95 -14.48 7.77
CA GLU A 301 -3.22 -13.78 7.66
C GLU A 301 -3.36 -13.12 6.29
N ASP A 302 -2.27 -12.59 5.73
CA ASP A 302 -2.34 -12.03 4.37
C ASP A 302 -2.78 -13.08 3.36
N VAL A 303 -2.25 -14.29 3.46
CA VAL A 303 -2.51 -15.29 2.43
C VAL A 303 -3.93 -15.81 2.55
N ASN A 304 -4.40 -16.03 3.78
CA ASN A 304 -5.80 -16.38 4.00
C ASN A 304 -6.73 -15.30 3.47
N MET A 305 -6.45 -14.02 3.79
CA MET A 305 -7.34 -12.95 3.36
C MET A 305 -7.36 -12.80 1.83
N GLN A 306 -6.19 -12.84 1.18
CA GLN A 306 -6.08 -12.45 -0.22
C GLN A 306 -6.23 -13.60 -1.18
N ILE A 307 -6.08 -14.82 -0.70
CA ILE A 307 -6.36 -16.02 -1.49
C ILE A 307 -7.32 -16.92 -0.69
N HIS B 6 21.87 0.41 2.09
CA HIS B 6 20.98 1.52 2.56
C HIS B 6 19.58 1.32 2.01
N HIS B 7 18.59 1.27 2.91
CA HIS B 7 17.21 1.15 2.50
C HIS B 7 16.78 2.44 1.80
N SER B 8 16.30 2.30 0.56
CA SER B 8 15.95 3.46 -0.26
C SER B 8 14.84 4.29 0.38
N GLY B 9 13.84 3.62 0.96
CA GLY B 9 12.58 4.26 1.24
C GLY B 9 11.67 4.34 0.04
N LEU B 10 11.97 3.59 -1.01
CA LEU B 10 11.12 3.51 -2.19
C LEU B 10 10.22 2.30 -2.00
N VAL B 11 8.96 2.57 -1.61
CA VAL B 11 8.00 1.52 -1.30
C VAL B 11 6.72 1.73 -2.10
N LYS B 12 5.91 0.69 -2.16
CA LYS B 12 4.56 0.81 -2.71
C LYS B 12 3.69 1.59 -1.75
N MET B 13 3.24 2.75 -2.18
CA MET B 13 2.57 3.71 -1.33
C MET B 13 1.27 4.13 -2.00
N SER B 14 0.18 4.06 -1.25
CA SER B 14 -1.14 4.46 -1.73
C SER B 14 -1.56 5.79 -1.10
N HIS B 15 -2.49 6.48 -1.76
CA HIS B 15 -3.10 7.66 -1.16
C HIS B 15 -3.93 7.29 0.06
N PRO B 16 -3.97 8.17 1.06
CA PRO B 16 -4.96 8.01 2.15
C PRO B 16 -6.37 7.92 1.58
N SER B 17 -7.08 6.86 1.97
CA SER B 17 -8.29 6.46 1.28
C SER B 17 -9.54 7.01 1.94
N GLY B 18 -9.41 7.83 2.96
CA GLY B 18 -10.59 8.31 3.69
C GLY B 18 -11.56 9.10 2.82
N ASP B 19 -11.05 10.03 2.00
CA ASP B 19 -11.92 10.77 1.09
C ASP B 19 -12.78 9.84 0.26
N VAL B 20 -12.27 8.69 -0.11
CA VAL B 20 -12.97 7.76 -0.98
C VAL B 20 -13.85 6.79 -0.18
N GLU B 21 -13.41 6.39 1.02
CA GLU B 21 -14.22 5.51 1.86
C GLU B 21 -15.61 6.10 2.07
N ALA B 22 -15.67 7.41 2.29
CA ALA B 22 -16.94 8.05 2.59
C ALA B 22 -17.90 8.05 1.40
N CYS B 23 -17.44 7.59 0.23
CA CYS B 23 -18.25 7.57 -0.98
C CYS B 23 -18.71 6.19 -1.39
N MET B 24 -18.29 5.14 -0.67
CA MET B 24 -18.57 3.78 -1.10
C MET B 24 -19.92 3.34 -0.56
N VAL B 25 -20.71 2.74 -1.44
CA VAL B 25 -22.00 2.18 -1.11
C VAL B 25 -22.13 0.79 -1.73
N GLN B 26 -23.18 0.10 -1.32
CA GLN B 26 -23.58 -1.18 -1.88
C GLN B 26 -24.78 -0.97 -2.78
N VAL B 27 -24.74 -1.57 -3.97
CA VAL B 27 -25.81 -1.48 -4.94
C VAL B 27 -26.29 -2.88 -5.23
N THR B 28 -27.58 -3.09 -5.13
CA THR B 28 -28.17 -4.41 -5.31
C THR B 28 -29.23 -4.33 -6.40
N CYS B 29 -29.21 -5.32 -7.26
CA CYS B 29 -30.19 -5.45 -8.34
C CYS B 29 -30.46 -6.94 -8.48
N GLY B 30 -31.59 -7.38 -7.91
CA GLY B 30 -31.96 -8.78 -7.92
C GLY B 30 -31.04 -9.66 -7.11
N SER B 31 -30.40 -10.63 -7.79
CA SER B 31 -29.41 -11.47 -7.13
C SER B 31 -28.09 -10.72 -6.95
N MET B 32 -27.67 -10.00 -7.97
CA MET B 32 -26.33 -9.43 -8.01
C MET B 32 -26.17 -8.32 -6.99
N THR B 33 -25.04 -8.34 -6.29
CA THR B 33 -24.64 -7.26 -5.41
C THR B 33 -23.19 -6.89 -5.69
N LEU B 34 -22.88 -5.60 -5.68
CA LEU B 34 -21.52 -5.12 -5.81
C LEU B 34 -21.44 -3.73 -5.17
N ASN B 35 -20.30 -3.08 -5.36
CA ASN B 35 -20.02 -1.76 -4.79
C ASN B 35 -20.37 -0.67 -5.79
N GLY B 36 -20.64 0.52 -5.25
CA GLY B 36 -20.91 1.68 -6.05
C GLY B 36 -20.19 2.88 -5.49
N LEU B 37 -20.16 3.95 -6.27
CA LEU B 37 -19.46 5.16 -5.91
C LEU B 37 -20.46 6.30 -5.90
N TRP B 38 -20.63 6.90 -4.74
CA TRP B 38 -21.67 7.89 -4.48
C TRP B 38 -21.01 9.27 -4.43
N LEU B 39 -21.26 10.06 -5.46
CA LEU B 39 -20.74 11.42 -5.60
C LEU B 39 -21.95 12.34 -5.79
N ASP B 40 -22.10 13.32 -4.91
CA ASP B 40 -23.27 14.21 -4.93
C ASP B 40 -24.55 13.38 -5.05
N ASN B 41 -25.38 13.62 -6.08
CA ASN B 41 -26.64 12.88 -6.24
C ASN B 41 -26.50 11.70 -7.20
N THR B 42 -25.28 11.23 -7.46
CA THR B 42 -25.08 10.14 -8.38
C THR B 42 -24.37 8.94 -7.73
N VAL B 43 -24.85 7.75 -8.08
CA VAL B 43 -24.22 6.49 -7.72
C VAL B 43 -23.80 5.78 -9.01
N TRP B 44 -22.49 5.55 -9.15
CA TRP B 44 -21.90 4.83 -10.28
C TRP B 44 -21.60 3.40 -9.86
N CYS B 45 -21.87 2.45 -10.76
CA CYS B 45 -21.54 1.06 -10.48
C CYS B 45 -21.45 0.32 -11.81
N PRO B 46 -20.84 -0.86 -11.83
CA PRO B 46 -20.74 -1.62 -13.10
C PRO B 46 -22.13 -2.02 -13.56
N ARG B 47 -22.36 -1.92 -14.86
CA ARG B 47 -23.71 -2.20 -15.32
C ARG B 47 -24.06 -3.68 -15.25
N HIS B 48 -23.08 -4.57 -15.15
CA HIS B 48 -23.52 -5.96 -15.11
C HIS B 48 -24.25 -6.34 -13.83
N VAL B 49 -24.42 -5.41 -12.89
CA VAL B 49 -25.26 -5.66 -11.73
C VAL B 49 -26.70 -5.97 -12.16
N MET B 50 -27.08 -5.51 -13.36
CA MET B 50 -28.39 -5.80 -13.93
C MET B 50 -28.49 -7.23 -14.45
N CYS B 51 -27.45 -7.96 -14.42
CA CYS B 51 -27.40 -9.14 -15.26
C CYS B 51 -27.75 -10.37 -14.45
N PRO B 52 -28.73 -11.18 -14.87
CA PRO B 52 -29.01 -12.43 -14.15
C PRO B 52 -27.97 -13.47 -14.48
N ALA B 53 -27.69 -14.34 -13.49
CA ALA B 53 -26.48 -15.15 -13.53
C ALA B 53 -26.40 -16.05 -14.74
N ASP B 54 -27.53 -16.44 -15.32
CA ASP B 54 -27.55 -17.34 -16.47
C ASP B 54 -27.25 -16.62 -17.78
N GLN B 55 -27.30 -15.30 -17.82
CA GLN B 55 -27.16 -14.54 -19.05
C GLN B 55 -25.88 -13.69 -19.08
N LEU B 56 -24.82 -14.15 -18.42
CA LEU B 56 -23.58 -13.37 -18.32
C LEU B 56 -22.65 -13.47 -19.53
N SER B 57 -22.83 -14.46 -20.40
CA SER B 57 -21.90 -14.66 -21.52
C SER B 57 -22.10 -13.65 -22.65
N ASP B 58 -23.34 -13.27 -22.92
CA ASP B 58 -23.63 -12.18 -23.86
C ASP B 58 -24.88 -11.45 -23.38
N PRO B 59 -24.73 -10.60 -22.38
CA PRO B 59 -25.90 -9.87 -21.88
C PRO B 59 -26.36 -8.82 -22.87
N ASN B 60 -27.68 -8.68 -22.98
CA ASN B 60 -28.28 -7.57 -23.71
C ASN B 60 -28.53 -6.47 -22.70
N TYR B 61 -27.48 -5.67 -22.47
CA TYR B 61 -27.57 -4.56 -21.52
C TYR B 61 -28.65 -3.56 -21.91
N ASP B 62 -28.81 -3.28 -23.21
CA ASP B 62 -29.81 -2.30 -23.64
C ASP B 62 -31.23 -2.71 -23.24
N ALA B 63 -31.56 -4.00 -23.35
CA ALA B 63 -32.90 -4.43 -22.96
C ALA B 63 -33.03 -4.59 -21.47
N LEU B 64 -31.98 -5.11 -20.80
CA LEU B 64 -31.95 -5.16 -19.34
C LEU B 64 -32.29 -3.79 -18.74
N LEU B 65 -31.74 -2.72 -19.31
CA LEU B 65 -31.93 -1.40 -18.72
C LEU B 65 -33.36 -0.91 -18.88
N ILE B 66 -33.93 -1.09 -20.08
CA ILE B 66 -35.31 -0.64 -20.32
C ILE B 66 -36.26 -1.35 -19.36
N SER B 67 -35.99 -2.64 -19.11
CA SER B 67 -36.84 -3.42 -18.25
C SER B 67 -36.79 -2.98 -16.79
N MET B 68 -35.79 -2.18 -16.39
CA MET B 68 -35.67 -1.80 -14.99
C MET B 68 -36.56 -0.60 -14.69
N THR B 69 -36.90 -0.50 -13.41
CA THR B 69 -37.46 0.70 -12.82
C THR B 69 -36.51 1.21 -11.74
N ASN B 70 -36.86 2.37 -11.20
CA ASN B 70 -36.09 2.95 -10.11
C ASN B 70 -36.09 2.05 -8.88
N HIS B 71 -37.15 1.27 -8.68
CA HIS B 71 -37.20 0.34 -7.56
C HIS B 71 -36.37 -0.92 -7.79
N SER B 72 -35.87 -1.16 -9.00
CA SER B 72 -35.06 -2.36 -9.23
C SER B 72 -33.67 -2.25 -8.62
N PHE B 73 -33.28 -1.05 -8.16
CA PHE B 73 -31.96 -0.81 -7.63
C PHE B 73 -32.08 -0.43 -6.18
N SER B 74 -31.41 -1.18 -5.33
CA SER B 74 -31.34 -0.86 -3.92
C SER B 74 -29.93 -0.39 -3.60
N VAL B 75 -29.83 0.75 -2.93
CA VAL B 75 -28.55 1.34 -2.56
C VAL B 75 -28.50 1.51 -1.06
N GLN B 76 -27.42 0.99 -0.45
CA GLN B 76 -27.24 1.00 1.00
C GLN B 76 -25.85 1.56 1.33
N LYS B 77 -25.80 2.53 2.25
CA LYS B 77 -24.53 2.97 2.81
C LYS B 77 -24.25 2.17 4.07
N HIS B 78 -22.97 1.94 4.35
CA HIS B 78 -22.55 1.20 5.53
C HIS B 78 -21.42 1.92 6.26
N ILE B 79 -20.31 2.19 5.57
CA ILE B 79 -19.25 3.05 6.12
C ILE B 79 -19.88 4.36 6.62
N ALA B 83 -27.36 4.39 6.03
CA ALA B 83 -28.69 4.74 5.51
C ALA B 83 -29.08 3.93 4.28
N ASN B 84 -30.36 4.03 3.93
CA ASN B 84 -30.86 3.66 2.62
C ASN B 84 -30.98 4.92 1.77
N LEU B 85 -30.68 4.78 0.48
CA LEU B 85 -30.77 5.88 -0.45
C LEU B 85 -31.80 5.54 -1.50
N ARG B 86 -32.68 6.49 -1.78
CA ARG B 86 -33.77 6.27 -2.71
C ARG B 86 -33.28 6.57 -4.12
N VAL B 87 -33.44 5.59 -5.00
CA VAL B 87 -33.12 5.75 -6.41
C VAL B 87 -34.27 6.48 -7.09
N VAL B 88 -33.97 7.63 -7.70
CA VAL B 88 -34.98 8.43 -8.37
C VAL B 88 -34.72 8.54 -9.86
N GLY B 89 -33.65 7.94 -10.36
CA GLY B 89 -33.36 7.90 -11.78
C GLY B 89 -32.29 6.89 -12.06
N HIS B 90 -32.25 6.42 -13.30
CA HIS B 90 -31.29 5.40 -13.69
C HIS B 90 -30.96 5.58 -15.17
N ALA B 91 -29.70 5.38 -15.50
CA ALA B 91 -29.23 5.52 -16.86
C ALA B 91 -27.96 4.71 -17.04
N MET B 92 -27.65 4.42 -18.29
CA MET B 92 -26.47 3.67 -18.68
C MET B 92 -25.52 4.60 -19.43
N GLN B 93 -24.25 4.58 -19.03
CA GLN B 93 -23.18 5.28 -19.74
C GLN B 93 -22.07 4.29 -20.02
N GLY B 94 -21.96 3.83 -21.27
CA GLY B 94 -21.01 2.78 -21.60
C GLY B 94 -21.23 1.56 -20.71
N THR B 95 -20.16 1.10 -20.07
CA THR B 95 -20.23 -0.08 -19.22
C THR B 95 -20.61 0.24 -17.78
N LEU B 96 -21.04 1.46 -17.51
CA LEU B 96 -21.40 1.85 -16.15
C LEU B 96 -22.85 2.28 -16.10
N LEU B 97 -23.48 2.06 -14.95
CA LEU B 97 -24.76 2.69 -14.67
C LEU B 97 -24.52 3.97 -13.91
N LYS B 98 -25.34 4.94 -14.21
CA LYS B 98 -25.40 6.22 -13.53
C LYS B 98 -26.77 6.27 -12.85
N LEU B 99 -26.81 6.03 -11.55
CA LEU B 99 -28.03 6.10 -10.78
C LEU B 99 -28.14 7.48 -10.12
N THR B 100 -29.34 8.02 -10.10
CA THR B 100 -29.60 9.29 -9.43
C THR B 100 -30.38 8.98 -8.16
N VAL B 101 -29.95 9.57 -7.05
CA VAL B 101 -30.52 9.33 -5.74
C VAL B 101 -30.92 10.67 -5.16
N ASP B 102 -31.78 10.63 -4.15
CA ASP B 102 -32.44 11.82 -3.64
C ASP B 102 -31.70 12.47 -2.48
N VAL B 103 -30.51 11.97 -2.13
CA VAL B 103 -29.65 12.60 -1.14
C VAL B 103 -28.27 12.85 -1.75
N ALA B 104 -27.77 14.07 -1.60
CA ALA B 104 -26.43 14.43 -2.06
C ALA B 104 -25.42 13.98 -1.00
N ASN B 105 -24.44 13.19 -1.42
CA ASN B 105 -23.43 12.67 -0.50
C ASN B 105 -22.79 13.83 0.24
N PRO B 106 -23.00 13.95 1.56
CA PRO B 106 -22.49 15.14 2.28
C PRO B 106 -20.98 15.18 2.40
N SER B 107 -20.28 14.13 1.99
CA SER B 107 -18.82 14.03 2.06
C SER B 107 -18.21 13.79 0.69
N THR B 108 -18.76 14.40 -0.34
CA THR B 108 -18.19 14.28 -1.67
C THR B 108 -16.88 15.06 -1.74
N PRO B 109 -15.77 14.45 -2.16
CA PRO B 109 -14.54 15.22 -2.40
C PRO B 109 -14.62 15.96 -3.72
N ALA B 110 -13.84 17.05 -3.82
CA ALA B 110 -13.58 17.62 -5.13
C ALA B 110 -13.03 16.52 -6.02
N TYR B 111 -13.53 16.42 -7.24
CA TYR B 111 -13.11 15.29 -8.06
C TYR B 111 -13.16 15.62 -9.54
N THR B 112 -12.47 14.77 -10.30
CA THR B 112 -12.46 14.74 -11.75
C THR B 112 -12.54 13.29 -12.20
N PHE B 113 -12.76 13.11 -13.50
CA PHE B 113 -12.91 11.83 -14.16
C PHE B 113 -11.92 11.83 -15.31
N THR B 114 -10.69 11.39 -15.09
CA THR B 114 -9.71 11.32 -16.16
C THR B 114 -9.23 9.89 -16.33
N THR B 115 -9.28 9.42 -17.57
CA THR B 115 -8.75 8.11 -17.93
C THR B 115 -7.23 8.15 -17.86
N VAL B 116 -6.62 7.15 -17.24
CA VAL B 116 -5.17 7.12 -17.12
C VAL B 116 -4.59 6.33 -18.28
N LYS B 117 -3.31 6.54 -18.51
CA LYS B 117 -2.60 5.89 -19.61
C LYS B 117 -1.62 4.86 -19.04
N PRO B 118 -1.15 3.95 -19.88
CA PRO B 118 -0.19 2.94 -19.42
C PRO B 118 1.05 3.54 -18.77
N GLY B 119 1.55 2.84 -17.76
CA GLY B 119 2.64 3.30 -16.93
C GLY B 119 2.22 4.16 -15.76
N ALA B 120 1.00 4.70 -15.78
CA ALA B 120 0.54 5.53 -14.68
C ALA B 120 0.08 4.65 -13.53
N ALA B 121 0.39 5.10 -12.32
CA ALA B 121 0.02 4.40 -11.10
C ALA B 121 -1.21 5.06 -10.47
N PHE B 122 -2.03 4.25 -9.79
CA PHE B 122 -3.13 4.80 -9.01
C PHE B 122 -3.40 3.88 -7.82
N SER B 123 -4.09 4.44 -6.82
CA SER B 123 -4.50 3.70 -5.64
C SER B 123 -5.86 3.06 -5.86
N VAL B 124 -6.03 1.85 -5.30
CA VAL B 124 -7.29 1.13 -5.35
C VAL B 124 -7.81 0.94 -3.93
N LEU B 125 -9.10 1.19 -3.76
CA LEU B 125 -9.82 0.91 -2.51
C LEU B 125 -10.70 -0.31 -2.77
N ALA B 126 -10.17 -1.48 -2.39
CA ALA B 126 -10.87 -2.74 -2.56
C ALA B 126 -11.98 -2.83 -1.52
N CYS B 127 -13.20 -3.10 -1.98
CA CYS B 127 -14.40 -3.10 -1.17
C CYS B 127 -15.26 -4.32 -1.45
N TYR B 128 -15.98 -4.74 -0.41
CA TYR B 128 -16.93 -5.85 -0.50
C TYR B 128 -18.21 -5.46 0.23
N ASN B 129 -19.36 -5.59 -0.44
CA ASN B 129 -20.65 -5.23 0.14
C ASN B 129 -20.65 -3.80 0.68
N GLY B 130 -20.07 -2.89 -0.11
CA GLY B 130 -19.93 -1.52 0.29
C GLY B 130 -19.00 -1.26 1.44
N ARG B 131 -18.29 -2.28 1.96
CA ARG B 131 -17.38 -2.07 3.10
C ARG B 131 -15.93 -2.02 2.61
N PRO B 132 -15.24 -0.90 2.75
CA PRO B 132 -13.81 -0.86 2.41
C PRO B 132 -13.01 -1.85 3.26
N THR B 133 -12.18 -2.66 2.60
CA THR B 133 -11.39 -3.67 3.31
C THR B 133 -9.89 -3.55 3.10
N GLY B 134 -9.43 -3.04 1.96
CA GLY B 134 -8.00 -2.81 1.78
C GLY B 134 -7.73 -1.78 0.71
N THR B 135 -6.52 -1.24 0.75
CA THR B 135 -6.04 -0.33 -0.29
C THR B 135 -4.67 -0.81 -0.77
N PHE B 136 -4.41 -0.65 -2.06
CA PHE B 136 -3.10 -0.98 -2.64
C PHE B 136 -2.92 -0.10 -3.86
N THR B 137 -1.71 -0.09 -4.40
CA THR B 137 -1.36 0.71 -5.57
C THR B 137 -1.04 -0.22 -6.73
N VAL B 138 -1.47 0.20 -7.93
CA VAL B 138 -1.28 -0.59 -9.15
C VAL B 138 -0.79 0.34 -10.25
N VAL B 139 -0.22 -0.28 -11.26
CA VAL B 139 0.21 0.40 -12.48
C VAL B 139 -0.66 -0.11 -13.60
N MET B 140 -1.26 0.80 -14.37
CA MET B 140 -1.96 0.40 -15.58
C MET B 140 -0.92 -0.08 -16.59
N ARG B 141 -0.96 -1.37 -16.92
CA ARG B 141 0.03 -1.99 -17.79
C ARG B 141 -0.21 -1.63 -19.24
N PRO B 142 0.82 -1.77 -20.07
CA PRO B 142 0.67 -1.50 -21.50
C PRO B 142 -0.42 -2.36 -22.16
N ASN B 143 -0.77 -3.51 -21.60
CA ASN B 143 -1.86 -4.30 -22.13
C ASN B 143 -3.19 -4.00 -21.42
N TYR B 144 -3.27 -2.86 -20.75
CA TYR B 144 -4.50 -2.37 -20.14
C TYR B 144 -5.06 -3.36 -19.13
N THR B 145 -4.19 -4.06 -18.42
CA THR B 145 -4.59 -4.86 -17.27
C THR B 145 -3.89 -4.30 -16.04
N ILE B 146 -4.40 -4.63 -14.85
CA ILE B 146 -3.73 -4.33 -13.59
C ILE B 146 -3.59 -5.61 -12.77
N LYS B 147 -2.64 -5.58 -11.84
CA LYS B 147 -2.41 -6.71 -10.95
C LYS B 147 -3.35 -6.57 -9.77
N GLY B 148 -2.81 -6.34 -8.59
CA GLY B 148 -3.67 -6.15 -7.45
C GLY B 148 -4.36 -7.41 -6.99
N SER B 149 -5.23 -7.22 -5.99
CA SER B 149 -5.91 -8.31 -5.30
C SER B 149 -7.40 -8.02 -5.28
N PHE B 150 -8.17 -8.84 -6.01
CA PHE B 150 -9.61 -8.69 -6.15
C PHE B 150 -10.28 -10.06 -6.06
N LEU B 151 -11.26 -10.19 -5.19
CA LEU B 151 -12.01 -11.44 -5.07
C LEU B 151 -13.46 -11.21 -5.45
N CYS B 152 -14.22 -12.30 -5.44
CA CYS B 152 -15.68 -12.23 -5.56
C CYS B 152 -16.25 -11.14 -4.67
N GLY B 153 -17.00 -10.22 -5.27
CA GLY B 153 -17.61 -9.12 -4.55
C GLY B 153 -16.90 -7.78 -4.71
N SER B 154 -15.74 -7.78 -5.36
CA SER B 154 -14.92 -6.57 -5.43
C SER B 154 -15.37 -5.63 -6.54
N CYS B 155 -16.18 -6.10 -7.49
CA CYS B 155 -16.63 -5.26 -8.60
C CYS B 155 -17.23 -3.96 -8.10
N GLY B 156 -16.92 -2.88 -8.81
CA GLY B 156 -17.25 -1.53 -8.39
C GLY B 156 -16.24 -0.88 -7.48
N SER B 157 -15.27 -1.63 -6.95
CA SER B 157 -14.13 -1.02 -6.27
C SER B 157 -13.47 0.00 -7.20
N VAL B 158 -12.95 1.08 -6.65
CA VAL B 158 -12.50 2.20 -7.48
C VAL B 158 -11.02 2.45 -7.30
N GLY B 159 -10.41 2.98 -8.35
CA GLY B 159 -9.04 3.46 -8.30
C GLY B 159 -9.02 4.95 -8.54
N TYR B 160 -8.05 5.62 -7.92
CA TYR B 160 -8.02 7.06 -7.85
C TYR B 160 -6.58 7.53 -7.62
N THR B 161 -6.32 8.76 -8.04
CA THR B 161 -5.22 9.54 -7.55
C THR B 161 -5.76 10.81 -6.94
N LYS B 162 -4.87 11.53 -6.29
CA LYS B 162 -5.17 12.81 -5.67
C LYS B 162 -4.07 13.79 -6.07
N GLU B 163 -4.49 14.91 -6.64
CA GLU B 163 -3.60 15.98 -7.06
C GLU B 163 -4.14 17.25 -6.42
N GLY B 164 -3.43 17.74 -5.39
CA GLY B 164 -3.92 18.86 -4.62
C GLY B 164 -5.06 18.41 -3.73
N SER B 165 -6.16 19.15 -3.78
CA SER B 165 -7.40 18.77 -3.12
C SER B 165 -8.32 17.90 -3.98
N VAL B 166 -7.95 17.68 -5.24
CA VAL B 166 -8.82 17.06 -6.23
C VAL B 166 -8.50 15.58 -6.35
N ILE B 167 -9.49 14.74 -6.11
CA ILE B 167 -9.37 13.32 -6.39
C ILE B 167 -9.73 13.08 -7.85
N ASN B 168 -8.85 12.37 -8.57
CA ASN B 168 -9.17 11.91 -9.92
C ASN B 168 -9.57 10.45 -9.88
N PHE B 169 -10.81 10.17 -10.23
CA PHE B 169 -11.34 8.81 -10.31
C PHE B 169 -11.04 8.26 -11.70
N CYS B 170 -10.33 7.12 -11.76
CA CYS B 170 -9.87 6.62 -13.04
C CYS B 170 -10.17 5.16 -13.33
N TYR B 171 -10.72 4.41 -12.38
CA TYR B 171 -10.91 2.97 -12.54
C TYR B 171 -12.09 2.51 -11.70
N MET B 172 -12.99 1.75 -12.32
CA MET B 172 -14.01 1.00 -11.58
C MET B 172 -13.90 -0.46 -11.97
N HIS B 173 -13.76 -1.33 -10.99
CA HIS B 173 -13.34 -2.69 -11.24
C HIS B 173 -14.48 -3.52 -11.83
N GLN B 174 -14.18 -4.29 -12.87
CA GLN B 174 -15.20 -5.09 -13.55
C GLN B 174 -14.93 -6.59 -13.57
N MET B 175 -13.68 -7.03 -13.79
CA MET B 175 -13.45 -8.44 -14.07
C MET B 175 -12.01 -8.87 -13.85
N GLU B 176 -11.85 -10.19 -13.76
CA GLU B 176 -10.56 -10.85 -13.62
C GLU B 176 -10.32 -11.71 -14.86
N LEU B 177 -9.14 -11.60 -15.46
CA LEU B 177 -8.80 -12.41 -16.61
C LEU B 177 -8.21 -13.76 -16.20
N ALA B 178 -8.00 -14.61 -17.20
CA ALA B 178 -7.57 -15.98 -16.93
C ALA B 178 -6.19 -16.02 -16.27
N ASN B 179 -5.29 -15.11 -16.61
CA ASN B 179 -3.98 -15.10 -15.97
C ASN B 179 -3.97 -14.45 -14.60
N GLY B 180 -5.12 -14.07 -14.05
CA GLY B 180 -5.17 -13.49 -12.72
C GLY B 180 -5.03 -11.98 -12.66
N THR B 181 -4.78 -11.33 -13.79
CA THR B 181 -4.81 -9.88 -13.82
C THR B 181 -6.27 -9.42 -13.95
N HIS B 182 -6.46 -8.11 -13.92
CA HIS B 182 -7.77 -7.52 -13.72
C HIS B 182 -7.93 -6.33 -14.64
N THR B 183 -9.17 -6.05 -15.02
CA THR B 183 -9.45 -4.83 -15.76
C THR B 183 -10.83 -4.29 -15.40
N GLY B 184 -11.09 -3.09 -15.89
CA GLY B 184 -12.30 -2.39 -15.55
C GLY B 184 -12.49 -1.18 -16.43
N SER B 185 -13.32 -0.26 -15.95
CA SER B 185 -13.82 0.89 -16.71
C SER B 185 -13.18 2.18 -16.23
N ALA B 186 -13.04 3.13 -17.15
CA ALA B 186 -12.92 4.53 -16.80
C ALA B 186 -14.32 5.11 -16.57
N PHE B 187 -14.37 6.25 -15.90
CA PHE B 187 -15.67 6.81 -15.54
C PHE B 187 -16.35 7.54 -16.69
N ASP B 188 -15.73 7.62 -17.85
CA ASP B 188 -16.49 7.94 -19.05
C ASP B 188 -17.23 6.74 -19.58
N GLY B 189 -17.13 5.58 -18.91
CA GLY B 189 -17.88 4.40 -19.31
C GLY B 189 -17.15 3.44 -20.23
N THR B 190 -15.99 3.82 -20.76
CA THR B 190 -15.18 2.91 -21.55
C THR B 190 -14.52 1.85 -20.67
N MET B 191 -14.30 0.67 -21.24
CA MET B 191 -13.42 -0.32 -20.64
C MET B 191 -11.99 -0.05 -21.07
N TYR B 192 -11.05 -0.16 -20.12
CA TYR B 192 -9.64 -0.09 -20.49
C TYR B 192 -9.28 -1.21 -21.47
N GLY B 193 -8.47 -0.86 -22.47
CA GLY B 193 -8.13 -1.86 -23.46
C GLY B 193 -9.27 -2.18 -24.40
N ALA B 194 -9.19 -3.35 -25.02
CA ALA B 194 -10.26 -3.79 -25.89
C ALA B 194 -11.46 -4.33 -25.12
N PHE B 195 -11.34 -4.51 -23.82
CA PHE B 195 -12.16 -5.53 -23.20
C PHE B 195 -13.64 -5.17 -23.27
N MET B 196 -14.45 -6.20 -23.16
CA MET B 196 -15.90 -6.11 -23.09
C MET B 196 -16.38 -6.75 -21.80
N ASP B 197 -17.50 -6.23 -21.29
CA ASP B 197 -18.13 -6.75 -20.08
C ASP B 197 -19.07 -7.89 -20.45
N LYS B 198 -18.42 -8.99 -20.82
CA LYS B 198 -19.05 -10.27 -21.15
C LYS B 198 -18.16 -11.30 -20.50
N GLN B 199 -18.75 -12.24 -19.77
CA GLN B 199 -17.95 -13.27 -19.13
C GLN B 199 -17.59 -14.29 -20.21
N VAL B 200 -16.53 -13.96 -20.96
CA VAL B 200 -15.98 -14.81 -22.02
C VAL B 200 -14.46 -14.62 -22.02
N HIS B 201 -13.75 -15.69 -22.41
CA HIS B 201 -12.30 -15.62 -22.56
C HIS B 201 -11.95 -14.57 -23.59
N GLN B 202 -11.05 -13.65 -23.23
CA GLN B 202 -10.70 -12.54 -24.11
C GLN B 202 -9.19 -12.44 -24.26
N VAL B 203 -8.75 -12.10 -25.47
CA VAL B 203 -7.33 -12.03 -25.80
C VAL B 203 -6.77 -10.72 -25.26
N GLN B 204 -5.89 -10.80 -24.25
CA GLN B 204 -5.13 -9.63 -23.80
C GLN B 204 -3.78 -9.56 -24.52
N LEU B 205 -3.42 -8.35 -24.94
CA LEU B 205 -2.20 -8.12 -25.69
C LEU B 205 -0.96 -8.41 -24.86
N THR B 206 0.15 -8.58 -25.56
CA THR B 206 1.43 -8.72 -24.90
C THR B 206 1.76 -7.51 -24.04
N ASP B 207 2.30 -7.77 -22.85
CA ASP B 207 2.80 -6.79 -21.91
C ASP B 207 4.17 -6.25 -22.36
N LYS B 208 4.60 -5.17 -21.71
CA LYS B 208 5.83 -4.48 -22.06
C LYS B 208 6.38 -3.81 -20.81
N TYR B 209 7.68 -3.54 -20.82
CA TYR B 209 8.30 -2.77 -19.76
C TYR B 209 8.00 -1.30 -19.99
N CYS B 210 7.62 -0.60 -18.91
CA CYS B 210 7.25 0.82 -18.93
C CYS B 210 8.53 1.64 -18.85
N SER B 211 8.98 2.11 -20.01
CA SER B 211 10.31 2.71 -20.11
C SER B 211 10.48 3.84 -19.13
N VAL B 212 9.55 4.81 -19.12
CA VAL B 212 9.73 5.99 -18.28
C VAL B 212 9.85 5.61 -16.81
N ASN B 213 9.12 4.57 -16.39
CA ASN B 213 9.21 4.14 -14.99
C ASN B 213 10.54 3.46 -14.70
N VAL B 214 11.08 2.73 -15.66
CA VAL B 214 12.39 2.14 -15.48
C VAL B 214 13.42 3.25 -15.30
N VAL B 215 13.30 4.33 -16.08
CA VAL B 215 14.22 5.47 -15.90
C VAL B 215 14.07 6.08 -14.52
N ALA B 216 12.83 6.26 -14.05
CA ALA B 216 12.63 6.82 -12.71
C ALA B 216 13.32 5.96 -11.65
N TRP B 217 13.17 4.65 -11.78
CA TRP B 217 13.77 3.71 -10.86
C TRP B 217 15.29 3.78 -10.89
N LEU B 218 15.88 3.91 -12.08
CA LEU B 218 17.33 4.10 -12.15
C LEU B 218 17.73 5.41 -11.49
N TYR B 219 16.91 6.44 -11.63
CA TYR B 219 17.21 7.69 -10.93
C TYR B 219 17.14 7.49 -9.43
N ALA B 220 16.13 6.75 -8.97
CA ALA B 220 16.06 6.48 -7.54
C ALA B 220 17.32 5.75 -7.07
N ALA B 221 17.88 4.88 -7.90
CA ALA B 221 19.10 4.17 -7.53
C ALA B 221 20.27 5.14 -7.42
N ILE B 222 20.44 6.00 -8.43
CA ILE B 222 21.48 7.02 -8.36
C ILE B 222 21.34 7.83 -7.08
N LEU B 223 20.12 8.30 -6.78
CA LEU B 223 19.91 9.15 -5.61
C LEU B 223 20.27 8.41 -4.32
N ASN B 224 20.13 7.10 -4.32
CA ASN B 224 20.41 6.33 -3.12
C ASN B 224 21.89 5.91 -3.01
N GLY B 225 22.74 6.36 -3.92
CA GLY B 225 24.17 6.08 -3.84
C GLY B 225 24.64 4.91 -4.67
N CYS B 226 23.84 4.44 -5.62
CA CYS B 226 24.13 3.25 -6.42
C CYS B 226 24.05 3.64 -7.90
N ALA B 227 25.19 3.99 -8.50
CA ALA B 227 25.22 4.42 -9.90
C ALA B 227 26.26 3.66 -10.70
N TRP B 228 26.62 2.45 -10.27
CA TRP B 228 27.63 1.69 -11.02
C TRP B 228 27.27 1.51 -12.49
N PHE B 229 25.99 1.62 -12.84
CA PHE B 229 25.53 1.39 -14.20
C PHE B 229 25.58 2.63 -15.09
N VAL B 230 25.99 3.79 -14.56
CA VAL B 230 25.96 5.02 -15.34
C VAL B 230 27.27 5.14 -16.12
N LYS B 231 27.15 5.37 -17.41
CA LYS B 231 28.30 5.61 -18.26
C LYS B 231 28.15 6.95 -18.98
N PRO B 232 29.23 7.53 -19.46
CA PRO B 232 29.11 8.66 -20.38
C PRO B 232 28.22 8.35 -21.57
N ASN B 233 28.22 7.10 -22.02
CA ASN B 233 27.50 6.76 -23.24
C ASN B 233 26.00 7.09 -23.12
N ARG B 234 25.43 7.47 -24.25
CA ARG B 234 24.04 7.89 -24.32
C ARG B 234 23.35 7.24 -25.50
N THR B 235 22.04 7.10 -25.37
CA THR B 235 21.17 6.75 -26.48
C THR B 235 20.07 7.80 -26.52
N SER B 236 19.85 8.38 -27.69
CA SER B 236 18.83 9.41 -27.85
C SER B 236 17.45 8.79 -27.64
N VAL B 237 16.45 9.67 -27.52
CA VAL B 237 15.09 9.21 -27.26
C VAL B 237 14.52 8.53 -28.51
N VAL B 238 14.73 9.13 -29.69
CA VAL B 238 14.19 8.55 -30.93
C VAL B 238 14.85 7.21 -31.22
N SER B 239 16.15 7.14 -31.06
CA SER B 239 16.83 5.86 -31.25
C SER B 239 16.39 4.84 -30.23
N PHE B 240 16.28 5.23 -28.94
CA PHE B 240 15.78 4.30 -27.95
C PHE B 240 14.39 3.82 -28.30
N ASN B 241 13.53 4.72 -28.80
CA ASN B 241 12.17 4.30 -29.08
C ASN B 241 12.11 3.30 -30.23
N GLU B 242 13.00 3.42 -31.21
CA GLU B 242 13.04 2.43 -32.30
C GLU B 242 13.53 1.08 -31.79
N TRP B 243 14.59 1.09 -31.00
CA TRP B 243 15.01 -0.10 -30.27
C TRP B 243 13.88 -0.69 -29.40
N ALA B 244 13.08 0.17 -28.75
CA ALA B 244 12.05 -0.32 -27.83
C ALA B 244 11.02 -1.19 -28.54
N LEU B 245 10.61 -0.78 -29.75
CA LEU B 245 9.68 -1.56 -30.57
C LEU B 245 10.08 -3.01 -30.70
N ALA B 246 11.37 -3.30 -30.72
CA ALA B 246 11.83 -4.66 -30.97
C ALA B 246 12.18 -5.40 -29.69
N ASN B 247 12.08 -4.76 -28.51
CA ASN B 247 12.53 -5.40 -27.27
C ASN B 247 11.54 -5.25 -26.11
N GLN B 248 10.23 -5.10 -26.40
CA GLN B 248 9.18 -5.17 -25.38
C GLN B 248 9.22 -3.99 -24.41
N PHE B 249 9.58 -2.81 -24.90
CA PHE B 249 9.53 -1.58 -24.14
C PHE B 249 8.55 -0.61 -24.80
N THR B 250 7.93 0.20 -23.96
CA THR B 250 7.12 1.30 -24.40
C THR B 250 8.02 2.39 -24.94
N GLU B 251 7.45 3.19 -25.84
CA GLU B 251 8.03 4.47 -26.21
C GLU B 251 8.32 5.27 -24.95
N PHE B 252 9.49 5.88 -24.90
CA PHE B 252 9.82 6.80 -23.81
C PHE B 252 9.30 8.18 -24.16
N VAL B 253 8.52 8.76 -23.25
CA VAL B 253 8.01 10.12 -23.31
C VAL B 253 8.41 10.84 -22.02
N GLY B 254 9.26 11.86 -22.14
CA GLY B 254 9.71 12.55 -20.96
C GLY B 254 8.63 13.41 -20.32
N THR B 255 8.87 13.78 -19.08
CA THR B 255 7.96 14.68 -18.39
C THR B 255 8.79 15.62 -17.52
N GLN B 256 8.13 16.67 -17.03
CA GLN B 256 8.72 17.55 -16.03
C GLN B 256 9.20 16.78 -14.80
N SER B 257 8.44 15.77 -14.37
CA SER B 257 8.84 15.00 -13.20
C SER B 257 10.20 14.30 -13.43
N VAL B 258 10.40 13.72 -14.61
CA VAL B 258 11.67 13.08 -14.93
C VAL B 258 12.79 14.10 -15.05
N ASP B 259 12.48 15.27 -15.63
CA ASP B 259 13.49 16.32 -15.78
C ASP B 259 14.04 16.74 -14.44
N MET B 260 13.21 16.71 -13.42
CA MET B 260 13.66 17.07 -12.08
C MET B 260 14.63 16.05 -11.54
N LEU B 261 14.40 14.77 -11.84
CA LEU B 261 15.33 13.74 -11.40
C LEU B 261 16.67 13.94 -12.11
N ALA B 262 16.61 14.37 -13.37
CA ALA B 262 17.83 14.61 -14.14
C ALA B 262 18.59 15.82 -13.60
N VAL B 263 17.87 16.87 -13.21
CA VAL B 263 18.55 18.05 -12.66
C VAL B 263 19.21 17.69 -11.33
N LYS B 264 18.45 17.06 -10.44
CA LYS B 264 18.94 16.72 -9.11
C LYS B 264 20.19 15.82 -9.14
N THR B 265 20.29 14.89 -10.11
CA THR B 265 21.39 13.91 -10.11
C THR B 265 22.57 14.29 -11.01
N GLY B 266 22.39 15.17 -11.99
CA GLY B 266 23.40 15.38 -12.98
C GLY B 266 23.44 14.36 -14.10
N VAL B 267 22.63 13.31 -14.04
CA VAL B 267 22.60 12.25 -15.04
C VAL B 267 21.46 12.52 -16.01
N ALA B 268 21.77 12.41 -17.30
CA ALA B 268 20.83 12.72 -18.35
C ALA B 268 19.98 11.51 -18.65
N ILE B 269 18.73 11.77 -19.04
CA ILE B 269 17.83 10.69 -19.47
C ILE B 269 18.57 9.77 -20.43
N GLU B 270 19.26 10.37 -21.40
CA GLU B 270 19.87 9.59 -22.47
C GLU B 270 20.95 8.66 -21.95
N GLN B 271 21.63 9.02 -20.87
CA GLN B 271 22.53 8.04 -20.28
C GLN B 271 21.77 6.86 -19.71
N LEU B 272 20.57 7.08 -19.16
CA LEU B 272 19.84 5.97 -18.60
C LEU B 272 19.14 5.15 -19.68
N LEU B 273 18.77 5.77 -20.79
CA LEU B 273 18.24 5.00 -21.91
C LEU B 273 19.31 4.08 -22.48
N TYR B 274 20.55 4.55 -22.55
CA TYR B 274 21.67 3.67 -22.91
C TYR B 274 21.83 2.55 -21.89
N ALA B 275 21.83 2.89 -20.60
CA ALA B 275 22.00 1.86 -19.58
C ALA B 275 20.92 0.78 -19.70
N ILE B 276 19.67 1.18 -19.96
CA ILE B 276 18.59 0.20 -20.04
C ILE B 276 18.87 -0.82 -21.13
N GLN B 277 19.37 -0.34 -22.27
CA GLN B 277 19.75 -1.23 -23.35
C GLN B 277 20.82 -2.25 -22.95
N GLN B 278 21.67 -1.91 -21.97
CA GLN B 278 22.66 -2.87 -21.51
C GLN B 278 22.17 -3.71 -20.34
N LEU B 279 21.28 -3.19 -19.51
CA LEU B 279 20.81 -3.92 -18.34
C LEU B 279 19.65 -4.86 -18.66
N TYR B 280 18.95 -4.63 -19.76
CA TYR B 280 17.92 -5.54 -20.24
C TYR B 280 18.42 -6.99 -20.33
N THR B 281 19.65 -7.18 -20.83
CA THR B 281 20.23 -8.51 -20.98
C THR B 281 20.43 -9.23 -19.65
N GLY B 282 20.51 -8.49 -18.55
CA GLY B 282 20.86 -9.01 -17.24
C GLY B 282 21.89 -8.12 -16.57
N PHE B 283 21.94 -8.20 -15.23
CA PHE B 283 22.84 -7.39 -14.43
C PHE B 283 24.22 -8.02 -14.19
N GLN B 284 24.43 -9.28 -14.60
CA GLN B 284 25.72 -9.97 -14.49
C GLN B 284 26.26 -9.96 -13.07
N GLY B 285 25.43 -10.41 -12.14
CA GLY B 285 25.86 -10.60 -10.77
C GLY B 285 25.70 -9.40 -9.87
N LYS B 286 25.29 -8.27 -10.41
CA LYS B 286 25.12 -7.07 -9.58
C LYS B 286 23.64 -6.93 -9.23
N GLN B 287 23.36 -5.90 -8.43
CA GLN B 287 22.03 -5.57 -8.00
C GLN B 287 21.81 -4.07 -8.13
N ILE B 288 20.53 -3.71 -8.24
CA ILE B 288 20.09 -2.33 -8.24
C ILE B 288 18.90 -2.25 -7.29
N LEU B 289 19.09 -1.61 -6.13
CA LEU B 289 18.02 -1.44 -5.16
C LEU B 289 17.42 -2.80 -4.80
N GLY B 290 18.32 -3.73 -4.48
CA GLY B 290 17.89 -5.05 -4.06
C GLY B 290 17.16 -5.83 -5.13
N SER B 291 17.43 -5.51 -6.40
CA SER B 291 16.77 -6.18 -7.52
C SER B 291 17.84 -6.70 -8.48
N THR B 292 17.52 -7.80 -9.13
CA THR B 292 18.38 -8.32 -10.17
C THR B 292 17.75 -8.17 -11.55
N MET B 293 16.54 -7.65 -11.64
CA MET B 293 15.93 -7.27 -12.91
C MET B 293 15.42 -5.82 -12.84
N LEU B 294 15.11 -5.25 -14.00
CA LEU B 294 14.58 -3.88 -14.05
C LEU B 294 13.16 -3.81 -13.46
N GLU B 295 12.89 -2.74 -12.70
CA GLU B 295 11.60 -2.51 -12.06
C GLU B 295 10.91 -1.36 -12.78
N ASP B 296 9.65 -1.58 -13.18
CA ASP B 296 8.93 -0.58 -13.96
C ASP B 296 7.61 -0.18 -13.31
N GLU B 297 7.45 -0.44 -12.01
CA GLU B 297 6.22 -0.11 -11.30
C GLU B 297 6.33 1.13 -10.40
N PHE B 298 7.45 1.85 -10.41
CA PHE B 298 7.56 3.13 -9.72
C PHE B 298 7.70 4.27 -10.74
N THR B 299 6.88 5.29 -10.59
CA THR B 299 6.84 6.42 -11.50
C THR B 299 7.85 7.47 -11.09
N PRO B 300 8.13 8.41 -11.99
CA PRO B 300 8.92 9.57 -11.59
C PRO B 300 8.29 10.33 -10.44
N GLU B 301 6.96 10.43 -10.40
CA GLU B 301 6.30 11.14 -9.31
C GLU B 301 6.55 10.45 -7.98
N ASP B 302 6.44 9.12 -7.96
CA ASP B 302 6.82 8.34 -6.78
C ASP B 302 8.22 8.66 -6.33
N VAL B 303 9.17 8.71 -7.27
CA VAL B 303 10.56 8.87 -6.87
C VAL B 303 10.78 10.28 -6.35
N ASN B 304 10.22 11.29 -7.03
CA ASN B 304 10.33 12.65 -6.51
C ASN B 304 9.74 12.76 -5.11
N MET B 305 8.59 12.12 -4.85
CA MET B 305 7.96 12.22 -3.53
C MET B 305 8.74 11.43 -2.48
N GLN B 306 9.06 10.19 -2.75
CA GLN B 306 9.52 9.35 -1.66
C GLN B 306 10.98 9.54 -1.36
N ILE B 307 11.78 9.99 -2.29
CA ILE B 307 13.19 10.12 -2.07
C ILE B 307 13.57 11.55 -1.84
N MET B 308 12.88 12.45 -2.55
CA MET B 308 13.12 13.89 -2.47
C MET B 308 11.98 14.68 -1.82
N GLY B 309 10.76 14.14 -1.77
CA GLY B 309 9.67 14.81 -1.09
C GLY B 309 9.00 15.94 -1.85
N VAL B 310 8.80 15.77 -3.16
CA VAL B 310 8.23 16.81 -4.04
C VAL B 310 7.05 16.25 -4.84
#